data_5JUZ
#
_entry.id   5JUZ
#
_cell.length_a   110.900
_cell.length_b   110.900
_cell.length_c   77.000
_cell.angle_alpha   90.00
_cell.angle_beta   90.00
_cell.angle_gamma   90.00
#
_symmetry.space_group_name_H-M   'P 41 21 2'
#
loop_
_entity.id
_entity.type
_entity.pdbx_description
1 polymer 'Farnesyl pyrophosphate synthase'
2 non-polymer 'CHLORIDE ION'
3 non-polymer '[(R)-(2,3-dihydro-1-benzofuran-5-yl){[6-(4-methylphenyl)thieno[2,3-d]pyrimidin-4-yl]amino}methyl]phosphonic acid'
4 water water
#
_entity_poly.entity_id   1
_entity_poly.type   'polypeptide(L)'
_entity_poly.pdbx_seq_one_letter_code
;MGSSHHHHHHSSGRENLYFQGHMNGDQNSDVYAQEKQDFVQHFSQIVRVLTEDEMGHPEIGDAIARLKEVLEYNAIGGKY
NRGLTVVVAFRELVEPRKQDADSLQRAWTVGWCVELLQAFFLVADDIMDSSLTRRGQICWYQKPGVGLDAINDANLLEAC
IYRLLKLYCREQPYYLNLIELFLQSSYQTEIGQTLDLLTAPQGNVDLVRFTEKRYKSIVKYKTAFYSFYLPIAAAMYMAG
IDGEKEHANAKKILLEMGEFFQIQDDYLDLFGDPSVTGKIGTDIQDNKCSWLVVQCLQRATPEQYQILKENYGQKEAEKV
ARVKALYEELDLPAVFLQYEEDSYSHIMALIEQYAAPLPPAVFLGLARKIYKRRK
;
_entity_poly.pdbx_strand_id   F
#
# COMPACT_ATOMS: atom_id res chain seq x y z
N TYR A 32 -10.70 -9.63 -11.16
CA TYR A 32 -9.74 -10.09 -10.10
C TYR A 32 -10.07 -11.48 -9.52
N ALA A 33 -11.35 -11.80 -9.31
CA ALA A 33 -11.71 -13.02 -8.56
C ALA A 33 -11.17 -14.39 -9.14
N GLN A 34 -11.23 -14.39 -10.55
CA GLN A 34 -10.81 -15.58 -11.28
C GLN A 34 -9.29 -15.69 -11.18
N GLU A 35 -8.68 -14.57 -11.67
CA GLU A 35 -7.25 -14.36 -11.84
C GLU A 35 -6.47 -14.51 -10.52
N LYS A 36 -7.11 -14.20 -9.38
CA LYS A 36 -6.51 -14.42 -8.03
C LYS A 36 -5.86 -15.81 -7.84
N GLN A 37 -6.54 -16.82 -8.32
CA GLN A 37 -6.13 -18.21 -8.18
C GLN A 37 -4.77 -18.51 -8.87
N ASP A 38 -4.66 -18.21 -10.18
CA ASP A 38 -3.43 -18.46 -10.94
C ASP A 38 -2.33 -17.53 -10.43
N PHE A 39 -2.69 -16.39 -9.81
CA PHE A 39 -1.70 -15.46 -9.22
C PHE A 39 -1.04 -16.10 -8.04
N VAL A 40 -1.83 -16.74 -7.21
CA VAL A 40 -1.28 -17.46 -6.09
C VAL A 40 -0.64 -18.83 -6.47
N GLN A 41 -1.09 -19.51 -7.53
CA GLN A 41 -0.37 -20.73 -7.97
C GLN A 41 1.07 -20.37 -8.38
N HIS A 42 1.27 -19.14 -8.88
CA HIS A 42 2.57 -18.78 -9.43
C HIS A 42 3.62 -18.61 -8.30
N PHE A 43 3.14 -18.31 -7.09
CA PHE A 43 4.05 -18.05 -5.97
C PHE A 43 5.03 -19.19 -5.73
N SER A 44 4.51 -20.37 -5.79
CA SER A 44 5.27 -21.54 -5.53
C SER A 44 6.48 -21.62 -6.44
N GLN A 45 6.31 -21.11 -7.66
CA GLN A 45 7.35 -21.04 -8.66
C GLN A 45 8.32 -19.88 -8.37
N ILE A 46 7.79 -18.71 -8.02
CA ILE A 46 8.62 -17.56 -7.58
C ILE A 46 9.59 -18.03 -6.55
N VAL A 47 9.10 -18.81 -5.63
CA VAL A 47 9.91 -19.38 -4.59
C VAL A 47 10.88 -20.41 -5.12
N ARG A 48 10.45 -21.36 -5.95
CA ARG A 48 11.34 -22.45 -6.40
C ARG A 48 12.62 -21.83 -6.94
N VAL A 49 12.38 -20.79 -7.73
CA VAL A 49 13.40 -20.07 -8.45
C VAL A 49 14.33 -19.29 -7.52
N LEU A 50 13.76 -18.62 -6.55
CA LEU A 50 14.55 -17.88 -5.62
C LEU A 50 15.39 -18.71 -4.67
N THR A 51 15.10 -20.02 -4.61
CA THR A 51 15.75 -20.99 -3.70
C THR A 51 16.62 -22.06 -4.39
N GLU A 52 17.06 -21.80 -5.63
CA GLU A 52 17.94 -22.79 -6.27
C GLU A 52 19.32 -22.26 -6.55
N HIS A 57 26.95 -23.35 -5.66
CA HIS A 57 27.03 -22.51 -4.45
C HIS A 57 26.16 -23.09 -3.25
N PRO A 58 26.42 -24.36 -2.78
CA PRO A 58 25.58 -25.03 -1.73
C PRO A 58 25.99 -24.74 -0.28
N GLU A 59 27.12 -24.06 -0.11
CA GLU A 59 27.60 -23.63 1.21
C GLU A 59 26.56 -22.74 2.00
N ILE A 60 25.76 -22.00 1.21
CA ILE A 60 24.75 -21.06 1.67
C ILE A 60 23.36 -21.69 1.75
N GLY A 61 23.24 -23.01 1.85
CA GLY A 61 21.91 -23.68 1.82
C GLY A 61 21.01 -23.22 2.95
N ASP A 62 21.53 -23.28 4.17
CA ASP A 62 20.84 -22.78 5.37
C ASP A 62 20.23 -21.39 5.21
N ALA A 63 21.00 -20.46 4.65
CA ALA A 63 20.49 -19.09 4.47
C ALA A 63 19.31 -19.05 3.49
N ILE A 64 19.46 -19.84 2.44
CA ILE A 64 18.43 -20.01 1.50
C ILE A 64 17.19 -20.68 2.12
N ALA A 65 17.36 -21.71 2.92
CA ALA A 65 16.24 -22.19 3.71
C ALA A 65 15.55 -21.02 4.48
N ARG A 66 16.34 -20.14 5.07
CA ARG A 66 15.74 -19.11 5.86
C ARG A 66 14.91 -18.16 4.98
N LEU A 67 15.48 -17.87 3.82
CA LEU A 67 14.83 -17.04 2.85
C LEU A 67 13.50 -17.60 2.42
N LYS A 68 13.42 -18.91 2.31
CA LYS A 68 12.20 -19.55 1.94
C LYS A 68 11.10 -19.28 2.99
N GLU A 69 11.42 -19.54 4.26
CA GLU A 69 10.55 -19.23 5.35
C GLU A 69 10.12 -17.80 5.31
N VAL A 70 11.05 -16.89 5.20
CA VAL A 70 10.72 -15.46 5.22
C VAL A 70 9.70 -15.14 4.13
N LEU A 71 9.89 -15.70 2.95
CA LEU A 71 9.01 -15.41 1.83
C LEU A 71 7.60 -15.96 2.08
N GLU A 72 7.55 -17.19 2.58
CA GLU A 72 6.28 -17.90 2.75
C GLU A 72 5.45 -17.25 3.83
N TYR A 73 6.10 -16.81 4.91
CA TYR A 73 5.43 -16.17 6.00
C TYR A 73 4.98 -14.83 5.61
N ASN A 74 5.76 -14.07 4.86
CA ASN A 74 5.47 -12.65 4.76
C ASN A 74 4.85 -12.20 3.51
N ALA A 75 4.96 -12.98 2.44
CA ALA A 75 4.42 -12.59 1.16
C ALA A 75 2.96 -13.12 0.94
N ILE A 76 2.58 -14.12 1.71
CA ILE A 76 1.31 -14.73 1.65
C ILE A 76 0.37 -14.25 2.74
N GLY A 77 -0.92 -14.22 2.45
CA GLY A 77 -1.95 -13.94 3.49
C GLY A 77 -2.68 -12.60 3.42
N GLY A 78 -2.32 -11.76 2.43
CA GLY A 78 -2.98 -10.46 2.18
C GLY A 78 -4.02 -10.70 1.14
N LYS A 79 -4.59 -9.65 0.55
CA LYS A 79 -5.54 -9.83 -0.56
C LYS A 79 -4.87 -9.76 -1.95
N TYR A 80 -3.60 -9.42 -2.08
CA TYR A 80 -2.88 -9.42 -3.37
C TYR A 80 -3.38 -8.42 -4.41
N ASN A 81 -4.05 -7.39 -3.94
CA ASN A 81 -4.62 -6.41 -4.83
C ASN A 81 -3.61 -5.68 -5.68
N ARG A 82 -2.48 -5.37 -5.11
CA ARG A 82 -1.48 -4.63 -5.81
C ARG A 82 -0.82 -5.47 -6.89
N GLY A 83 -0.41 -6.68 -6.56
CA GLY A 83 0.21 -7.55 -7.53
C GLY A 83 -0.71 -7.98 -8.65
N LEU A 84 -1.93 -8.33 -8.29
CA LEU A 84 -2.95 -8.56 -9.28
C LEU A 84 -3.23 -7.38 -10.18
N THR A 85 -3.11 -6.17 -9.67
CA THR A 85 -3.37 -5.02 -10.53
C THR A 85 -2.41 -5.03 -11.71
N VAL A 86 -1.17 -5.50 -11.50
CA VAL A 86 -0.18 -5.58 -12.55
C VAL A 86 -0.70 -6.51 -13.59
N VAL A 87 -1.21 -7.63 -13.15
CA VAL A 87 -1.61 -8.63 -14.10
C VAL A 87 -2.82 -8.22 -14.92
N VAL A 88 -3.80 -7.63 -14.26
CA VAL A 88 -5.03 -7.29 -14.92
C VAL A 88 -4.76 -6.17 -15.93
N ALA A 89 -3.98 -5.18 -15.51
CA ALA A 89 -3.73 -4.02 -16.34
C ALA A 89 -2.88 -4.53 -17.51
N PHE A 90 -2.02 -5.51 -17.32
CA PHE A 90 -1.23 -5.97 -18.43
C PHE A 90 -2.14 -6.52 -19.52
N ARG A 91 -3.18 -7.23 -19.14
CA ARG A 91 -4.16 -7.71 -20.08
C ARG A 91 -5.01 -6.65 -20.77
N GLU A 92 -5.37 -5.57 -20.07
CA GLU A 92 -6.11 -4.51 -20.70
C GLU A 92 -5.25 -3.70 -21.66
N LEU A 93 -3.94 -3.86 -21.60
CA LEU A 93 -3.04 -2.97 -22.27
C LEU A 93 -2.32 -3.56 -23.43
N VAL A 94 -2.21 -4.87 -23.46
CA VAL A 94 -1.60 -5.58 -24.54
C VAL A 94 -2.67 -6.17 -25.47
N GLU A 95 -2.46 -6.05 -26.79
CA GLU A 95 -3.31 -6.73 -27.81
C GLU A 95 -3.16 -8.25 -27.56
N PRO A 96 -4.28 -9.02 -27.42
CA PRO A 96 -4.18 -10.42 -26.86
C PRO A 96 -3.25 -11.39 -27.65
N ARG A 97 -2.93 -11.03 -28.89
CA ARG A 97 -1.97 -11.77 -29.70
C ARG A 97 -0.54 -11.56 -29.17
N LYS A 98 -0.24 -10.50 -28.42
CA LYS A 98 1.09 -10.34 -27.74
C LYS A 98 1.12 -10.89 -26.28
N GLN A 99 0.08 -11.63 -25.87
CA GLN A 99 0.07 -12.36 -24.61
C GLN A 99 0.31 -13.87 -24.80
N ASP A 100 1.49 -14.22 -25.31
CA ASP A 100 2.09 -15.58 -25.17
C ASP A 100 2.32 -15.96 -23.67
N ALA A 101 2.56 -17.25 -23.39
CA ALA A 101 2.71 -17.78 -22.02
C ALA A 101 3.88 -17.17 -21.21
N ASP A 102 4.93 -16.75 -21.91
CA ASP A 102 6.08 -16.07 -21.32
C ASP A 102 5.84 -14.60 -20.98
N SER A 103 5.06 -13.88 -21.79
CA SER A 103 4.62 -12.51 -21.48
C SER A 103 3.88 -12.47 -20.11
N LEU A 104 2.99 -13.45 -20.00
CA LEU A 104 2.13 -13.67 -18.83
C LEU A 104 2.86 -14.13 -17.62
N GLN A 105 3.78 -15.06 -17.80
CA GLN A 105 4.64 -15.46 -16.71
C GLN A 105 5.41 -14.26 -16.14
N ARG A 106 5.84 -13.35 -17.02
CA ARG A 106 6.42 -12.11 -16.52
C ARG A 106 5.47 -11.19 -15.79
N ALA A 107 4.23 -11.01 -16.30
CA ALA A 107 3.24 -10.22 -15.60
C ALA A 107 3.00 -10.76 -14.20
N TRP A 108 2.86 -12.08 -14.03
CA TRP A 108 2.65 -12.74 -12.75
C TRP A 108 3.84 -12.34 -11.83
N THR A 109 5.03 -12.61 -12.33
CA THR A 109 6.25 -12.34 -11.61
C THR A 109 6.36 -10.88 -11.16
N VAL A 110 6.10 -9.96 -12.08
CA VAL A 110 6.21 -8.56 -11.69
C VAL A 110 5.13 -8.15 -10.65
N GLY A 111 3.88 -8.68 -10.78
CA GLY A 111 2.88 -8.55 -9.73
C GLY A 111 3.44 -9.03 -8.39
N TRP A 112 4.06 -10.21 -8.39
CA TRP A 112 4.68 -10.72 -7.20
C TRP A 112 5.79 -9.80 -6.73
N CYS A 113 6.48 -9.11 -7.64
CA CYS A 113 7.55 -8.11 -7.23
C CYS A 113 6.94 -6.98 -6.42
N VAL A 114 5.78 -6.52 -6.82
CA VAL A 114 5.03 -5.53 -6.06
C VAL A 114 4.66 -6.05 -4.67
N GLU A 115 4.27 -7.30 -4.59
CA GLU A 115 3.86 -7.86 -3.33
C GLU A 115 5.05 -7.95 -2.45
N LEU A 116 6.19 -8.35 -3.01
CA LEU A 116 7.44 -8.45 -2.21
C LEU A 116 7.92 -7.11 -1.71
N LEU A 117 7.84 -6.12 -2.53
CA LEU A 117 8.12 -4.78 -2.10
C LEU A 117 7.24 -4.44 -0.90
N GLN A 118 5.95 -4.72 -1.01
CA GLN A 118 5.08 -4.44 0.10
C GLN A 118 5.47 -5.22 1.40
N ALA A 119 5.79 -6.49 1.21
CA ALA A 119 6.19 -7.36 2.28
C ALA A 119 7.40 -6.82 3.04
N PHE A 120 8.41 -6.41 2.30
CA PHE A 120 9.55 -5.64 2.80
C PHE A 120 9.13 -4.45 3.64
N PHE A 121 8.23 -3.62 3.17
CA PHE A 121 7.84 -2.47 3.95
C PHE A 121 7.14 -2.83 5.21
N LEU A 122 6.34 -3.86 5.14
CA LEU A 122 5.48 -4.20 6.27
C LEU A 122 6.27 -4.84 7.38
N VAL A 123 7.16 -5.75 7.02
CA VAL A 123 7.94 -6.42 8.00
C VAL A 123 8.72 -5.39 8.78
N ALA A 124 9.22 -4.38 8.07
CA ALA A 124 10.03 -3.41 8.70
C ALA A 124 9.25 -2.39 9.47
N ASP A 125 8.11 -2.00 8.92
CA ASP A 125 7.18 -1.10 9.64
C ASP A 125 6.61 -1.63 11.00
N ASP A 126 6.39 -2.94 11.06
CA ASP A 126 5.94 -3.64 12.21
C ASP A 126 6.98 -3.57 13.27
N ILE A 127 8.22 -3.80 12.90
CA ILE A 127 9.30 -3.61 13.84
C ILE A 127 9.34 -2.16 14.35
N MET A 128 9.31 -1.19 13.44
CA MET A 128 9.43 0.18 13.93
C MET A 128 8.33 0.65 14.85
N ASP A 129 7.11 0.25 14.53
CA ASP A 129 5.86 0.48 15.33
C ASP A 129 5.72 -0.30 16.52
N SER A 130 6.56 -1.29 16.70
CA SER A 130 6.35 -2.25 17.80
C SER A 130 4.95 -2.91 17.70
N SER A 131 4.49 -3.23 16.50
CA SER A 131 3.25 -3.91 16.33
C SER A 131 3.32 -5.35 16.76
N LEU A 132 2.16 -5.94 17.06
CA LEU A 132 2.05 -7.32 17.62
C LEU A 132 1.61 -8.31 16.59
N THR A 133 0.56 -7.92 15.89
CA THR A 133 0.00 -8.72 14.83
C THR A 133 -0.12 -7.96 13.55
N ARG A 134 -0.12 -8.73 12.49
CA ARG A 134 -0.39 -8.23 11.15
C ARG A 134 -1.41 -9.16 10.52
N ARG A 135 -2.58 -8.60 10.23
CA ARG A 135 -3.69 -9.35 9.65
C ARG A 135 -4.00 -10.44 10.66
N GLY A 136 -4.13 -10.03 11.94
CA GLY A 136 -4.37 -10.93 13.08
C GLY A 136 -3.42 -12.13 13.29
N GLN A 137 -2.29 -12.22 12.56
CA GLN A 137 -1.22 -13.24 12.73
C GLN A 137 0.00 -12.55 13.38
N ILE A 138 0.80 -13.32 14.10
CA ILE A 138 1.95 -12.76 14.83
C ILE A 138 2.92 -12.04 13.86
N CYS A 139 3.23 -10.75 14.06
CA CYS A 139 4.26 -10.13 13.17
C CYS A 139 5.54 -10.93 13.15
N TRP A 140 6.14 -11.05 11.99
CA TRP A 140 7.34 -11.90 11.85
C TRP A 140 8.44 -11.64 12.94
N TYR A 141 8.72 -10.35 13.22
CA TYR A 141 9.84 -10.01 14.14
C TYR A 141 9.50 -10.49 15.52
N GLN A 142 8.20 -10.58 15.83
CA GLN A 142 7.72 -11.20 17.10
C GLN A 142 7.78 -12.71 17.16
N LYS A 143 8.11 -13.43 16.09
CA LYS A 143 8.22 -14.90 16.23
C LYS A 143 9.44 -15.29 17.08
N PRO A 144 9.31 -16.36 17.88
CA PRO A 144 10.43 -16.82 18.69
C PRO A 144 11.68 -17.02 17.88
N GLY A 145 12.76 -16.44 18.35
CA GLY A 145 14.05 -16.55 17.67
C GLY A 145 14.29 -15.79 16.39
N VAL A 146 13.43 -14.82 16.03
CA VAL A 146 13.59 -13.98 14.86
C VAL A 146 14.06 -12.63 15.36
N GLY A 147 13.16 -11.90 16.00
CA GLY A 147 13.53 -10.64 16.60
C GLY A 147 14.03 -9.69 15.54
N LEU A 148 15.04 -8.92 15.90
CA LEU A 148 15.61 -7.91 15.04
C LEU A 148 16.38 -8.46 13.83
N ASP A 149 16.63 -9.76 13.77
CA ASP A 149 17.06 -10.39 12.54
C ASP A 149 16.15 -10.12 11.39
N ALA A 150 14.89 -9.83 11.66
CA ALA A 150 13.89 -9.44 10.66
C ALA A 150 14.25 -8.25 9.88
N ILE A 151 15.25 -7.49 10.35
CA ILE A 151 15.70 -6.33 9.57
C ILE A 151 16.44 -6.82 8.30
N ASN A 152 17.33 -7.75 8.48
CA ASN A 152 17.95 -8.45 7.37
C ASN A 152 16.92 -9.11 6.46
N ASP A 153 15.98 -9.82 7.09
CA ASP A 153 14.94 -10.56 6.40
C ASP A 153 14.20 -9.55 5.54
N ALA A 154 13.88 -8.38 6.08
CA ALA A 154 13.17 -7.44 5.28
C ALA A 154 14.05 -7.03 4.10
N ASN A 155 15.33 -6.89 4.33
CA ASN A 155 16.19 -6.52 3.25
C ASN A 155 16.30 -7.55 2.14
N LEU A 156 16.36 -8.81 2.51
CA LEU A 156 16.23 -9.88 1.54
C LEU A 156 14.98 -9.84 0.63
N LEU A 157 13.84 -9.52 1.22
CA LEU A 157 12.61 -9.34 0.48
C LEU A 157 12.74 -8.30 -0.60
N GLU A 158 13.33 -7.20 -0.23
CA GLU A 158 13.60 -6.16 -1.17
C GLU A 158 14.47 -6.69 -2.31
N ALA A 159 15.50 -7.42 -1.94
CA ALA A 159 16.47 -7.85 -2.90
C ALA A 159 15.89 -8.84 -3.95
N CYS A 160 14.93 -9.63 -3.49
CA CYS A 160 14.27 -10.68 -4.28
C CYS A 160 13.55 -10.02 -5.43
N ILE A 161 13.04 -8.81 -5.26
CA ILE A 161 12.49 -8.08 -6.34
C ILE A 161 13.45 -8.04 -7.51
N TYR A 162 14.71 -7.67 -7.28
CA TYR A 162 15.62 -7.38 -8.37
C TYR A 162 16.22 -8.66 -8.95
N ARG A 163 16.29 -9.68 -8.14
CA ARG A 163 16.67 -11.02 -8.67
C ARG A 163 15.62 -11.54 -9.66
N LEU A 164 14.34 -11.39 -9.30
CA LEU A 164 13.26 -11.87 -10.16
C LEU A 164 13.22 -11.15 -11.48
N LEU A 165 13.34 -9.81 -11.41
CA LEU A 165 13.40 -8.95 -12.57
C LEU A 165 14.53 -9.35 -13.50
N LYS A 166 15.64 -9.71 -12.93
CA LYS A 166 16.72 -10.20 -13.75
C LYS A 166 16.46 -11.56 -14.36
N LEU A 167 15.92 -12.43 -13.52
CA LEU A 167 15.58 -13.78 -13.92
C LEU A 167 14.55 -13.78 -15.03
N TYR A 168 13.56 -12.90 -14.96
CA TYR A 168 12.48 -13.02 -15.92
C TYR A 168 12.46 -11.89 -16.92
N CYS A 169 13.12 -10.77 -16.69
CA CYS A 169 13.02 -9.68 -17.64
C CYS A 169 14.30 -9.11 -18.19
N ARG A 170 15.47 -9.71 -17.91
CA ARG A 170 16.71 -9.01 -18.26
C ARG A 170 16.80 -8.69 -19.75
N GLU A 171 16.12 -9.47 -20.58
CA GLU A 171 16.25 -9.29 -22.01
C GLU A 171 15.18 -8.48 -22.58
N GLN A 172 14.29 -7.94 -21.77
CA GLN A 172 13.18 -7.20 -22.32
C GLN A 172 13.57 -5.77 -22.47
N PRO A 173 12.96 -5.04 -23.42
CA PRO A 173 13.34 -3.65 -23.56
C PRO A 173 12.90 -2.80 -22.38
N TYR A 174 11.97 -3.24 -21.55
CA TYR A 174 11.53 -2.46 -20.40
C TYR A 174 12.31 -2.77 -19.11
N TYR A 175 13.35 -3.58 -19.21
CA TYR A 175 14.04 -4.04 -18.02
C TYR A 175 14.48 -2.86 -17.09
N LEU A 176 15.31 -1.98 -17.63
CA LEU A 176 15.80 -0.89 -16.86
C LEU A 176 14.67 -0.04 -16.39
N ASN A 177 13.66 0.12 -17.23
CA ASN A 177 12.46 0.88 -16.77
C ASN A 177 11.82 0.37 -15.49
N LEU A 178 11.73 -0.96 -15.40
CA LEU A 178 11.16 -1.56 -14.24
C LEU A 178 12.10 -1.44 -13.01
N ILE A 179 13.39 -1.60 -13.21
CA ILE A 179 14.33 -1.47 -12.07
C ILE A 179 14.16 -0.07 -11.51
N GLU A 180 14.14 0.94 -12.36
CA GLU A 180 14.09 2.30 -11.92
C GLU A 180 12.79 2.61 -11.21
N LEU A 181 11.72 1.98 -11.67
CA LEU A 181 10.45 2.21 -11.08
C LEU A 181 10.34 1.60 -9.69
N PHE A 182 10.83 0.38 -9.53
CA PHE A 182 10.78 -0.21 -8.23
C PHE A 182 11.67 0.58 -7.24
N LEU A 183 12.86 0.96 -7.69
CA LEU A 183 13.76 1.76 -6.89
C LEU A 183 13.08 3.10 -6.59
N GLN A 184 12.54 3.76 -7.54
CA GLN A 184 12.00 5.02 -7.20
C GLN A 184 10.82 4.82 -6.22
N SER A 185 10.06 3.71 -6.35
CA SER A 185 8.90 3.52 -5.48
C SER A 185 9.32 3.25 -4.01
N SER A 186 10.39 2.47 -3.81
CA SER A 186 11.04 2.30 -2.56
C SER A 186 11.45 3.65 -1.97
N TYR A 187 12.19 4.44 -2.70
CA TYR A 187 12.57 5.75 -2.22
C TYR A 187 11.35 6.59 -1.78
N GLN A 188 10.29 6.61 -2.57
CA GLN A 188 9.21 7.49 -2.25
C GLN A 188 8.53 7.04 -0.94
N THR A 189 8.42 5.70 -0.83
CA THR A 189 7.81 5.06 0.29
C THR A 189 8.60 5.35 1.57
N GLU A 190 9.90 5.07 1.51
CA GLU A 190 10.81 5.35 2.63
C GLU A 190 10.76 6.82 3.13
N ILE A 191 10.69 7.71 2.15
CA ILE A 191 10.55 9.14 2.44
C ILE A 191 9.24 9.45 3.10
N GLY A 192 8.18 8.81 2.59
CA GLY A 192 6.92 8.93 3.23
C GLY A 192 7.02 8.42 4.65
N GLN A 193 7.74 7.32 4.87
CA GLN A 193 7.84 6.82 6.17
C GLN A 193 8.54 7.77 7.10
N THR A 194 9.56 8.42 6.61
CA THR A 194 10.29 9.38 7.43
C THR A 194 9.37 10.50 7.84
N LEU A 195 8.63 10.97 6.87
CA LEU A 195 7.76 12.08 7.14
C LEU A 195 6.73 11.72 8.24
N ASP A 196 6.30 10.46 8.19
CA ASP A 196 5.33 9.97 9.11
C ASP A 196 5.91 9.93 10.50
N LEU A 197 7.05 9.27 10.59
CA LEU A 197 7.85 9.15 11.81
C LEU A 197 8.16 10.47 12.48
N LEU A 198 8.51 11.45 11.70
CA LEU A 198 8.72 12.77 12.29
C LEU A 198 7.42 13.26 12.91
N THR A 199 6.32 13.10 12.16
CA THR A 199 5.06 13.76 12.42
C THR A 199 4.29 13.22 13.64
N ALA A 200 4.38 11.90 13.83
CA ALA A 200 3.84 11.17 15.00
C ALA A 200 4.83 10.41 15.85
N PRO A 201 5.59 11.07 16.70
CA PRO A 201 6.53 10.23 17.57
C PRO A 201 6.04 9.47 18.90
N GLN A 202 5.08 8.51 18.83
CA GLN A 202 4.60 7.68 20.04
C GLN A 202 4.93 8.19 21.47
N ASN A 204 5.47 11.37 22.89
CA ASN A 204 5.51 12.69 22.26
C ASN A 204 4.27 13.00 21.37
N VAL A 205 3.22 13.47 22.05
CA VAL A 205 1.94 13.85 21.42
C VAL A 205 1.98 15.30 20.99
N ASP A 206 1.96 15.51 19.66
CA ASP A 206 1.96 16.86 19.12
C ASP A 206 1.04 16.99 17.86
N LEU A 207 -0.02 17.73 18.12
CA LEU A 207 -1.13 17.92 17.22
C LEU A 207 -0.92 19.21 16.39
N VAL A 208 -0.05 20.12 16.82
CA VAL A 208 0.44 21.17 15.90
C VAL A 208 1.05 20.43 14.64
N ARG A 209 1.62 19.24 14.84
CA ARG A 209 2.23 18.49 13.74
C ARG A 209 1.19 18.11 12.63
N PHE A 210 -0.10 17.99 12.99
CA PHE A 210 -1.10 17.20 12.21
C PHE A 210 -1.99 18.02 11.30
N THR A 211 -1.43 18.52 10.22
CA THR A 211 -2.09 19.43 9.36
C THR A 211 -2.44 18.71 8.11
N GLU A 212 -3.32 19.35 7.34
CA GLU A 212 -3.82 18.71 6.18
C GLU A 212 -2.76 18.67 5.09
N LYS A 213 -2.12 19.81 4.77
CA LYS A 213 -1.00 19.91 3.78
C LYS A 213 -0.13 18.64 4.00
N ARG A 214 0.11 18.36 5.30
CA ARG A 214 1.04 17.32 5.78
C ARG A 214 0.50 15.92 5.77
N TYR A 215 -0.68 15.72 6.31
CA TYR A 215 -1.39 14.44 6.03
C TYR A 215 -1.33 13.97 4.55
N LYS A 216 -1.67 14.87 3.64
CA LYS A 216 -1.67 14.60 2.20
C LYS A 216 -0.31 14.19 1.70
N SER A 217 0.68 14.97 2.07
CA SER A 217 2.04 14.64 1.78
C SER A 217 2.42 13.23 2.26
N ILE A 218 2.06 12.85 3.49
CA ILE A 218 2.40 11.48 3.97
C ILE A 218 1.73 10.38 3.14
N VAL A 219 0.46 10.58 2.83
CA VAL A 219 -0.31 9.57 2.12
C VAL A 219 0.34 9.35 0.75
N LYS A 220 0.60 10.47 0.13
CA LYS A 220 1.14 10.42 -1.18
C LYS A 220 2.43 9.70 -1.23
N TYR A 221 3.36 9.98 -0.32
CA TYR A 221 4.67 9.38 -0.52
C TYR A 221 4.69 7.96 0.01
N LYS A 222 4.15 7.78 1.22
CA LYS A 222 4.18 6.52 1.95
C LYS A 222 3.35 5.41 1.40
N THR A 223 2.18 5.72 0.81
CA THR A 223 1.27 4.62 0.34
C THR A 223 0.79 4.70 -1.12
N ALA A 224 0.49 5.88 -1.61
CA ALA A 224 -0.17 6.01 -2.93
C ALA A 224 0.71 5.68 -4.13
N PHE A 225 1.96 6.10 -4.07
CA PHE A 225 2.86 5.90 -5.15
C PHE A 225 3.01 4.37 -5.32
N TYR A 226 3.32 3.63 -4.28
CA TYR A 226 3.53 2.20 -4.45
C TYR A 226 2.29 1.36 -4.60
N SER A 227 1.16 1.82 -4.04
CA SER A 227 -0.05 1.06 -3.93
C SER A 227 -0.79 1.23 -5.23
N PHE A 228 -0.75 2.42 -5.80
CA PHE A 228 -1.55 2.78 -6.97
C PHE A 228 -0.74 3.07 -8.22
N TYR A 229 0.33 3.83 -8.14
CA TYR A 229 1.02 4.23 -9.35
C TYR A 229 1.85 3.08 -9.80
N LEU A 230 2.68 2.61 -8.91
CA LEU A 230 3.55 1.45 -9.18
C LEU A 230 2.94 0.32 -10.03
N PRO A 231 1.90 -0.34 -9.58
CA PRO A 231 1.41 -1.51 -10.33
C PRO A 231 0.94 -1.22 -11.75
N ILE A 232 0.27 -0.08 -11.96
CA ILE A 232 -0.21 0.30 -13.30
C ILE A 232 0.97 0.64 -14.17
N ALA A 233 1.93 1.38 -13.58
CA ALA A 233 3.04 1.90 -14.31
C ALA A 233 3.89 0.76 -14.79
N ALA A 234 4.01 -0.25 -13.95
CA ALA A 234 4.75 -1.43 -14.32
C ALA A 234 4.12 -2.11 -15.54
N ALA A 235 2.79 -2.23 -15.56
CA ALA A 235 2.07 -2.77 -16.69
C ALA A 235 2.27 -1.88 -17.94
N MET A 236 2.26 -0.56 -17.73
CA MET A 236 2.47 0.33 -18.84
C MET A 236 3.78 0.03 -19.49
N TYR A 237 4.84 -0.11 -18.69
CA TYR A 237 6.16 -0.35 -19.26
C TYR A 237 6.20 -1.67 -19.93
N MET A 238 5.61 -2.67 -19.32
CA MET A 238 5.64 -3.99 -19.93
C MET A 238 4.97 -3.98 -21.28
N ALA A 239 4.03 -3.05 -21.43
CA ALA A 239 3.26 -2.93 -22.66
C ALA A 239 3.91 -1.94 -23.70
N GLY A 240 5.13 -1.47 -23.51
CA GLY A 240 5.72 -0.50 -24.41
C GLY A 240 5.29 0.91 -24.11
N ILE A 241 4.42 1.14 -23.13
CA ILE A 241 3.97 2.50 -22.90
C ILE A 241 4.93 3.12 -21.90
N ASP A 242 5.93 3.79 -22.43
CA ASP A 242 6.93 4.38 -21.64
C ASP A 242 7.00 5.91 -21.69
N GLY A 243 6.08 6.62 -22.32
CA GLY A 243 6.20 8.06 -22.49
C GLY A 243 6.09 8.72 -21.15
N GLU A 244 6.88 9.77 -20.90
CA GLU A 244 6.85 10.48 -19.60
C GLU A 244 5.48 11.09 -19.41
N LYS A 245 4.90 11.63 -20.45
CA LYS A 245 3.61 12.28 -20.39
C LYS A 245 2.45 11.33 -20.11
N GLU A 246 2.45 10.16 -20.77
CA GLU A 246 1.50 9.14 -20.42
C GLU A 246 1.59 8.72 -18.95
N HIS A 247 2.80 8.54 -18.44
CA HIS A 247 3.00 8.15 -17.07
C HIS A 247 2.59 9.26 -16.15
N ALA A 248 2.87 10.49 -16.53
CA ALA A 248 2.50 11.59 -15.67
C ALA A 248 0.99 11.59 -15.52
N ASN A 249 0.28 11.34 -16.63
CA ASN A 249 -1.22 11.37 -16.70
C ASN A 249 -1.82 10.29 -15.80
N ALA A 250 -1.36 9.05 -16.02
CA ALA A 250 -1.74 7.91 -15.20
C ALA A 250 -1.46 8.24 -13.71
N LYS A 251 -0.29 8.83 -13.43
CA LYS A 251 0.08 9.27 -12.07
C LYS A 251 -0.93 10.24 -11.42
N LYS A 252 -1.40 11.23 -12.14
CA LYS A 252 -2.32 12.20 -11.64
C LYS A 252 -3.63 11.51 -11.21
N ILE A 253 -4.09 10.55 -11.99
CA ILE A 253 -5.31 9.85 -11.60
C ILE A 253 -5.02 9.00 -10.38
N LEU A 254 -3.91 8.26 -10.44
CA LEU A 254 -3.63 7.14 -9.50
C LEU A 254 -3.26 7.58 -8.03
N LEU A 255 -2.48 8.63 -7.93
CA LEU A 255 -2.22 9.28 -6.67
C LEU A 255 -3.45 9.84 -6.07
N GLU A 256 -4.37 10.42 -6.85
CA GLU A 256 -5.66 10.86 -6.26
C GLU A 256 -6.51 9.70 -5.77
N MET A 257 -6.51 8.58 -6.45
CA MET A 257 -7.21 7.37 -5.96
C MET A 257 -6.60 6.95 -4.60
N GLY A 258 -5.30 6.82 -4.59
CA GLY A 258 -4.54 6.47 -3.36
C GLY A 258 -4.82 7.38 -2.16
N GLU A 259 -5.01 8.70 -2.39
CA GLU A 259 -5.35 9.61 -1.34
C GLU A 259 -6.69 9.22 -0.79
N PHE A 260 -7.70 9.00 -1.64
CA PHE A 260 -9.03 8.58 -1.14
C PHE A 260 -8.96 7.18 -0.39
N PHE A 261 -8.27 6.22 -0.99
CA PHE A 261 -8.14 4.90 -0.40
C PHE A 261 -7.72 5.02 1.07
N GLN A 262 -6.69 5.79 1.32
CA GLN A 262 -6.16 5.87 2.65
C GLN A 262 -7.11 6.63 3.61
N ILE A 263 -7.70 7.71 3.11
CA ILE A 263 -8.69 8.45 3.88
C ILE A 263 -9.84 7.54 4.27
N GLN A 264 -10.21 6.65 3.36
CA GLN A 264 -11.26 5.71 3.66
C GLN A 264 -10.81 4.69 4.70
N ASP A 265 -9.58 4.18 4.62
CA ASP A 265 -9.07 3.31 5.68
C ASP A 265 -9.05 3.95 7.05
N ASP A 266 -8.67 5.22 7.08
CA ASP A 266 -8.74 6.01 8.32
C ASP A 266 -10.17 6.09 8.86
N TYR A 267 -11.11 6.42 8.00
CA TYR A 267 -12.49 6.42 8.40
C TYR A 267 -12.91 5.04 8.87
N LEU A 268 -12.60 4.00 8.12
CA LEU A 268 -13.14 2.71 8.48
C LEU A 268 -12.59 2.18 9.79
N ASP A 269 -11.30 2.40 10.02
CA ASP A 269 -10.55 1.98 11.20
C ASP A 269 -11.35 2.19 12.49
N LEU A 270 -11.99 3.36 12.61
CA LEU A 270 -12.91 3.73 13.68
C LEU A 270 -14.41 3.39 13.46
N PHE A 271 -14.90 3.46 12.22
CA PHE A 271 -16.34 3.36 11.99
C PHE A 271 -16.82 2.20 11.15
N GLY A 272 -15.92 1.44 10.58
CA GLY A 272 -16.26 0.25 9.84
C GLY A 272 -16.83 -0.76 10.78
N ASP A 273 -17.81 -1.51 10.30
CA ASP A 273 -18.28 -2.69 10.98
C ASP A 273 -17.02 -3.57 10.97
N PRO A 274 -16.63 -4.09 12.15
CA PRO A 274 -15.29 -4.75 12.20
C PRO A 274 -15.20 -6.18 11.67
N SER A 275 -16.35 -6.88 11.62
CA SER A 275 -16.44 -8.17 10.90
C SER A 275 -16.51 -8.01 9.35
N VAL A 276 -17.03 -6.89 8.84
CA VAL A 276 -17.06 -6.62 7.39
C VAL A 276 -15.68 -6.13 6.96
N THR A 277 -15.04 -5.26 7.76
CA THR A 277 -13.62 -4.83 7.53
C THR A 277 -12.60 -5.94 7.76
N GLY A 278 -12.76 -6.69 8.87
CA GLY A 278 -11.72 -7.60 9.41
C GLY A 278 -10.89 -6.91 10.50
N LYS A 279 -10.53 -5.64 10.26
CA LYS A 279 -9.71 -4.82 11.19
C LYS A 279 -10.55 -4.35 12.42
N ILE A 280 -9.94 -4.29 13.60
CA ILE A 280 -10.54 -3.67 14.81
C ILE A 280 -9.53 -2.58 15.18
N GLY A 281 -9.89 -1.32 14.99
CA GLY A 281 -8.91 -0.22 14.83
C GLY A 281 -8.21 0.32 16.07
N THR A 282 -6.91 0.56 15.94
CA THR A 282 -6.10 1.09 17.01
C THR A 282 -5.52 2.47 16.69
N ASP A 283 -6.01 3.15 15.66
CA ASP A 283 -5.45 4.47 15.29
C ASP A 283 -5.37 5.49 16.42
N ILE A 284 -6.42 5.59 17.20
CA ILE A 284 -6.54 6.72 18.15
C ILE A 284 -5.53 6.52 19.28
N GLN A 285 -5.61 5.33 19.90
CA GLN A 285 -4.56 4.76 20.78
C GLN A 285 -3.15 5.13 20.26
N ASP A 286 -2.89 5.01 18.95
CA ASP A 286 -1.52 5.13 18.43
C ASP A 286 -1.01 6.55 18.03
N ASN A 287 -1.72 7.66 18.34
CA ASN A 287 -1.30 9.05 17.93
C ASN A 287 -1.14 9.06 16.38
N LYS A 288 -1.90 8.24 15.62
CA LYS A 288 -1.69 8.19 14.13
C LYS A 288 -2.14 9.52 13.55
N CYS A 289 -1.54 9.94 12.45
CA CYS A 289 -1.94 11.19 11.83
C CYS A 289 -2.93 10.70 10.81
N SER A 290 -4.15 10.64 11.28
CA SER A 290 -5.30 10.07 10.62
C SER A 290 -6.09 11.20 10.05
N TRP A 291 -6.89 10.88 9.05
CA TRP A 291 -7.70 11.88 8.42
C TRP A 291 -8.70 12.42 9.40
N LEU A 292 -9.20 11.53 10.24
CA LEU A 292 -10.20 11.91 11.21
C LEU A 292 -9.69 13.07 12.12
N VAL A 293 -8.49 12.88 12.69
CA VAL A 293 -7.95 13.88 13.62
C VAL A 293 -7.61 15.22 12.92
N VAL A 294 -7.21 15.16 11.65
CA VAL A 294 -6.91 16.36 10.88
C VAL A 294 -8.14 17.26 10.72
N GLN A 295 -9.27 16.63 10.38
CA GLN A 295 -10.51 17.36 10.09
C GLN A 295 -11.01 17.87 11.42
N CYS A 296 -11.09 16.95 12.37
CA CYS A 296 -11.38 17.30 13.73
C CYS A 296 -10.71 18.62 14.21
N LEU A 297 -9.41 18.76 13.94
CA LEU A 297 -8.60 19.93 14.36
C LEU A 297 -8.96 21.22 13.62
N GLN A 298 -9.31 21.12 12.32
CA GLN A 298 -9.87 22.28 11.59
C GLN A 298 -11.22 22.70 12.14
N ARG A 299 -11.88 21.80 12.87
CA ARG A 299 -13.25 21.89 13.33
C ARG A 299 -13.39 21.86 14.85
N ALA A 300 -12.49 22.57 15.53
CA ALA A 300 -12.44 22.57 16.99
C ALA A 300 -12.36 24.00 17.47
N THR A 301 -13.33 24.33 18.32
CA THR A 301 -13.23 25.49 19.19
C THR A 301 -12.17 25.17 20.25
N PRO A 302 -11.36 26.16 20.69
CA PRO A 302 -10.37 25.87 21.75
C PRO A 302 -10.80 24.91 22.93
N GLU A 303 -12.03 25.07 23.47
CA GLU A 303 -12.55 24.11 24.47
C GLU A 303 -12.35 22.66 23.90
N GLN A 304 -12.68 22.45 22.62
CA GLN A 304 -12.48 21.13 21.94
C GLN A 304 -10.99 20.69 21.64
N TYR A 305 -10.12 21.66 21.31
CA TYR A 305 -8.64 21.46 21.13
C TYR A 305 -7.87 20.90 22.38
N GLN A 306 -8.06 21.52 23.57
CA GLN A 306 -7.46 21.06 24.88
C GLN A 306 -8.33 20.02 25.65
N ILE A 307 -9.21 19.33 24.88
CA ILE A 307 -9.91 18.08 25.22
C ILE A 307 -9.28 17.00 24.41
N LEU A 308 -9.27 17.23 23.09
CA LEU A 308 -8.58 16.35 22.22
C LEU A 308 -7.16 16.13 22.71
N LYS A 309 -6.46 17.22 23.06
CA LYS A 309 -5.10 17.15 23.62
C LYS A 309 -5.08 16.28 24.89
N GLU A 310 -6.08 16.39 25.79
CA GLU A 310 -6.07 15.53 27.02
C GLU A 310 -6.46 14.03 26.76
N ASN A 311 -6.60 13.59 25.50
CA ASN A 311 -7.19 12.25 25.16
C ASN A 311 -6.60 11.42 23.95
N TYR A 312 -5.96 12.08 23.00
CA TYR A 312 -5.50 11.39 21.80
C TYR A 312 -4.33 10.46 22.19
N GLY A 313 -4.68 9.19 22.40
CA GLY A 313 -3.72 8.10 22.35
C GLY A 313 -3.33 7.50 23.67
N GLN A 314 -4.33 7.15 24.50
CA GLN A 314 -4.09 6.38 25.75
C GLN A 314 -4.57 4.94 25.49
N LYS A 315 -3.96 3.99 26.18
CA LYS A 315 -4.42 2.59 26.23
C LYS A 315 -5.88 2.56 26.72
N GLU A 316 -6.18 3.19 27.88
CA GLU A 316 -7.52 3.16 28.52
C GLU A 316 -8.59 3.60 27.49
N ALA A 317 -9.70 2.85 27.47
CA ALA A 317 -10.74 2.93 26.43
C ALA A 317 -11.67 4.12 26.54
N GLU A 318 -12.06 4.50 27.77
CA GLU A 318 -12.88 5.70 28.07
C GLU A 318 -12.27 7.03 27.53
N LYS A 319 -10.92 7.10 27.44
CA LYS A 319 -10.23 8.24 26.81
C LYS A 319 -10.33 8.12 25.25
N VAL A 320 -10.28 6.88 24.74
CA VAL A 320 -10.45 6.57 23.31
C VAL A 320 -11.94 6.65 22.85
N ALA A 321 -12.81 6.09 23.69
CA ALA A 321 -14.27 6.27 23.60
C ALA A 321 -14.69 7.72 23.60
N ARG A 322 -13.99 8.53 24.39
CA ARG A 322 -14.31 9.92 24.47
C ARG A 322 -14.01 10.61 23.15
N VAL A 323 -12.97 10.18 22.43
CA VAL A 323 -12.53 10.80 21.14
C VAL A 323 -13.48 10.47 20.04
N LYS A 324 -13.78 9.18 19.91
CA LYS A 324 -14.85 8.71 19.05
C LYS A 324 -16.16 9.56 19.19
N ALA A 325 -16.50 9.87 20.45
CA ALA A 325 -17.60 10.76 20.70
C ALA A 325 -17.35 12.21 20.25
N LEU A 326 -16.12 12.74 20.35
CA LEU A 326 -15.87 14.12 19.86
C LEU A 326 -15.97 14.20 18.35
N TYR A 327 -15.56 13.10 17.74
CA TYR A 327 -15.66 12.96 16.31
C TYR A 327 -17.13 12.85 15.94
N GLU A 328 -17.87 12.02 16.67
CA GLU A 328 -19.27 11.85 16.37
C GLU A 328 -19.97 13.22 16.50
N GLU A 329 -19.70 13.98 17.56
CA GLU A 329 -20.44 15.23 17.86
C GLU A 329 -20.16 16.27 16.79
N LEU A 330 -18.96 16.20 16.21
CA LEU A 330 -18.61 17.04 15.05
C LEU A 330 -19.06 16.51 13.65
N ASP A 331 -19.91 15.48 13.62
CA ASP A 331 -20.45 14.88 12.37
C ASP A 331 -19.33 14.61 11.38
N LEU A 332 -18.32 13.91 11.86
CA LEU A 332 -17.24 13.51 11.01
C LEU A 332 -17.63 12.40 10.00
N PRO A 333 -18.43 11.40 10.44
CA PRO A 333 -18.91 10.43 9.41
C PRO A 333 -19.65 11.07 8.21
N ALA A 334 -20.26 12.22 8.44
CA ALA A 334 -20.93 12.99 7.44
C ALA A 334 -19.94 13.73 6.60
N VAL A 335 -18.93 14.27 7.23
CA VAL A 335 -17.88 14.93 6.45
C VAL A 335 -17.22 13.96 5.48
N PHE A 336 -17.08 12.73 5.96
CA PHE A 336 -16.53 11.67 5.18
C PHE A 336 -17.45 11.34 4.00
N LEU A 337 -18.71 11.08 4.30
CA LEU A 337 -19.62 10.68 3.25
C LEU A 337 -19.68 11.76 2.11
N GLN A 338 -19.60 13.02 2.53
CA GLN A 338 -19.50 14.18 1.64
C GLN A 338 -18.19 14.13 0.84
N TYR A 339 -17.09 13.83 1.56
CA TYR A 339 -15.80 13.61 0.96
C TYR A 339 -15.86 12.44 -0.02
N GLU A 340 -16.51 11.32 0.30
CA GLU A 340 -16.48 10.15 -0.61
C GLU A 340 -17.17 10.40 -1.99
N GLU A 341 -18.29 11.07 -1.92
CA GLU A 341 -19.00 11.59 -3.05
C GLU A 341 -18.20 12.53 -3.97
N ASP A 342 -17.68 13.61 -3.39
CA ASP A 342 -16.91 14.61 -4.12
C ASP A 342 -15.72 13.94 -4.79
N SER A 343 -15.06 13.08 -4.02
CA SER A 343 -13.87 12.37 -4.45
C SER A 343 -14.17 11.46 -5.64
N TYR A 344 -15.31 10.83 -5.58
CA TYR A 344 -15.78 10.07 -6.67
C TYR A 344 -16.07 10.92 -7.94
N SER A 345 -16.80 12.03 -7.90
CA SER A 345 -16.88 12.89 -9.09
C SER A 345 -15.51 13.23 -9.60
N HIS A 346 -14.61 13.60 -8.70
CA HIS A 346 -13.28 14.07 -9.06
C HIS A 346 -12.48 12.99 -9.78
N ILE A 347 -12.53 11.77 -9.28
CA ILE A 347 -11.81 10.71 -9.94
C ILE A 347 -12.36 10.43 -11.35
N MET A 348 -13.66 10.45 -11.51
CA MET A 348 -14.22 10.26 -12.86
C MET A 348 -13.87 11.45 -13.80
N ALA A 349 -13.86 12.68 -13.31
CA ALA A 349 -13.39 13.80 -14.12
C ALA A 349 -11.97 13.55 -14.52
N LEU A 350 -11.16 13.11 -13.57
CA LEU A 350 -9.77 12.88 -13.88
C LEU A 350 -9.62 11.78 -14.88
N ILE A 351 -10.41 10.72 -14.74
CA ILE A 351 -10.31 9.62 -15.70
C ILE A 351 -10.70 10.13 -17.13
N GLU A 352 -11.79 10.90 -17.20
CA GLU A 352 -12.27 11.53 -18.46
C GLU A 352 -11.15 12.27 -19.06
N GLN A 353 -10.52 13.12 -18.26
CA GLN A 353 -9.45 13.93 -18.79
C GLN A 353 -8.08 13.31 -19.09
N TYR A 354 -7.63 12.30 -18.35
CA TYR A 354 -6.25 11.87 -18.39
C TYR A 354 -6.03 10.37 -18.70
N ALA A 355 -7.08 9.62 -18.90
CA ALA A 355 -6.92 8.20 -19.14
C ALA A 355 -6.35 7.96 -20.52
N ALA A 356 -6.96 8.69 -21.48
CA ALA A 356 -6.63 8.62 -22.91
C ALA A 356 -5.14 8.70 -23.09
N PRO A 357 -4.58 7.77 -23.84
CA PRO A 357 -5.15 6.74 -24.64
C PRO A 357 -5.01 5.39 -23.96
N LEU A 358 -5.02 5.34 -22.61
CA LEU A 358 -5.17 4.03 -21.98
C LEU A 358 -6.68 3.79 -22.00
N PRO A 359 -7.07 2.51 -21.99
CA PRO A 359 -8.51 2.24 -21.87
C PRO A 359 -9.00 2.69 -20.48
N PRO A 360 -10.07 3.45 -20.46
CA PRO A 360 -10.49 3.92 -19.15
C PRO A 360 -10.76 2.79 -18.16
N ALA A 361 -11.08 1.64 -18.66
CA ALA A 361 -11.29 0.50 -17.80
C ALA A 361 -10.11 0.13 -16.90
N VAL A 362 -8.91 0.58 -17.24
CA VAL A 362 -7.75 0.31 -16.41
C VAL A 362 -7.96 0.94 -15.06
N PHE A 363 -8.43 2.20 -15.12
CA PHE A 363 -8.71 3.02 -13.98
C PHE A 363 -10.02 2.67 -13.32
N LEU A 364 -11.05 2.46 -14.13
CA LEU A 364 -12.38 2.16 -13.60
C LEU A 364 -12.44 0.87 -12.82
N GLY A 365 -11.72 -0.15 -13.21
CA GLY A 365 -11.70 -1.39 -12.44
C GLY A 365 -11.23 -1.08 -11.05
N LEU A 366 -10.24 -0.18 -10.93
CA LEU A 366 -9.68 0.12 -9.64
C LEU A 366 -10.60 0.94 -8.80
N ALA A 367 -11.12 2.03 -9.38
CA ALA A 367 -12.23 2.80 -8.73
C ALA A 367 -13.39 1.94 -8.17
N ARG A 368 -13.82 0.95 -8.89
CA ARG A 368 -14.83 0.07 -8.42
C ARG A 368 -14.39 -0.72 -7.18
N LYS A 369 -13.12 -1.12 -7.11
CA LYS A 369 -12.62 -1.87 -5.99
C LYS A 369 -12.60 -0.99 -4.74
N ILE A 370 -12.28 0.28 -4.92
CA ILE A 370 -12.07 1.12 -3.78
C ILE A 370 -13.30 1.85 -3.29
N TYR A 371 -14.14 2.37 -4.16
CA TYR A 371 -15.37 3.02 -3.71
C TYR A 371 -16.44 1.97 -3.22
N LYS A 372 -16.22 0.65 -3.46
CA LYS A 372 -16.99 -0.45 -2.79
C LYS A 372 -16.94 -0.34 -1.29
#